data_4G1V
#
_entry.id   4G1V
#
_cell.length_a   172.629
_cell.length_b   172.629
_cell.length_c   82.294
_cell.angle_alpha   90.00
_cell.angle_beta   90.00
_cell.angle_gamma   120.00
#
_symmetry.space_group_name_H-M   'H 3 2'
#
loop_
_entity.id
_entity.type
_entity.pdbx_description
1 polymer Flavohemoglobin
2 non-polymer 'PROTOPORPHYRIN IX CONTAINING FE'
3 non-polymer 'FLAVIN-ADENINE DINUCLEOTIDE'
4 non-polymer 'POTASSIUM ION'
5 non-polymer 'NITRITE ION'
6 water water
#
_entity_poly.entity_id   1
_entity_poly.type   'polypeptide(L)'
_entity_poly.pdbx_seq_one_letter_code
;MLAEKTRSIIKATVPVLEQQGTVITRTFYKNMLTEHTELLNIFNRTNQKVGAQPNALATTVLAAAKNIDDLSVLMDHVKQ
IGHKHRALQIKPEHYPIVGEYLLKAIKEVLGDAATPEIINAWGEAYQAIADIFITVEKKMYEEALWPGWKPFEITAKEYV
ASDIVEFTVKPKFGSGIELESLPITPGQYITVNTHPIRQENQYDALRHYSLCSASTKNGLRFAVKMEAARENFPAGLVSE
YLHKDAKVGDEIKLSAPAGDFAINKELIHQNEVPLVLLSSGVGVTPLLAMLEEQVKCNPNRPIYWIQSSYDEKTQAFKKH
VDELLAECANVDKIIVHTDTEPLINAAFLKEKSPAHADVYTCGSLAFMQAMIGHLKELEHRDDMIHYEPFGPKMSTVQV
;
_entity_poly.pdbx_strand_id   A
#
# COMPACT_ATOMS: atom_id res chain seq x y z
N LEU A 2 7.55 26.39 -13.74
CA LEU A 2 7.66 27.87 -13.60
C LEU A 2 8.88 28.29 -12.80
N ALA A 3 9.54 29.31 -13.35
CA ALA A 3 10.73 29.99 -12.82
C ALA A 3 12.02 29.29 -13.25
N GLU A 4 12.74 29.92 -14.17
CA GLU A 4 13.82 29.26 -14.88
C GLU A 4 15.10 29.11 -14.05
N LYS A 5 15.48 30.14 -13.30
CA LYS A 5 16.61 30.08 -12.37
C LYS A 5 16.32 29.17 -11.17
N THR A 6 15.07 29.13 -10.75
CA THR A 6 14.62 28.20 -9.71
C THR A 6 14.90 26.74 -10.14
N ARG A 7 14.46 26.39 -11.34
CA ARG A 7 14.57 25.02 -11.84
C ARG A 7 16.02 24.48 -11.93
N SER A 8 16.99 25.31 -12.33
CA SER A 8 18.44 24.98 -12.26
C SER A 8 18.96 24.78 -10.86
N ILE A 9 18.46 25.59 -9.93
CA ILE A 9 18.80 25.48 -8.52
C ILE A 9 18.34 24.11 -8.00
N ILE A 10 17.06 23.80 -8.24
CA ILE A 10 16.47 22.50 -7.89
C ILE A 10 17.34 21.35 -8.47
N LYS A 11 17.70 21.44 -9.76
CA LYS A 11 18.46 20.38 -10.46
C LYS A 11 19.84 20.21 -9.86
N ALA A 12 20.44 21.32 -9.41
CA ALA A 12 21.76 21.27 -8.77
C ALA A 12 21.75 20.54 -7.41
N THR A 13 20.56 20.31 -6.87
CA THR A 13 20.44 19.50 -5.66
C THR A 13 20.10 18.03 -5.91
N VAL A 14 19.90 17.63 -7.16
CA VAL A 14 19.64 16.22 -7.47
C VAL A 14 20.71 15.29 -6.85
N PRO A 15 22.01 15.59 -7.05
CA PRO A 15 23.06 14.70 -6.50
C PRO A 15 22.97 14.49 -4.97
N VAL A 16 22.69 15.54 -4.21
CA VAL A 16 22.55 15.40 -2.74
C VAL A 16 21.31 14.59 -2.36
N LEU A 17 20.19 14.87 -3.00
CA LEU A 17 18.96 14.06 -2.82
C LEU A 17 19.14 12.58 -3.21
N GLU A 18 19.93 12.35 -4.25
CA GLU A 18 20.10 11.01 -4.74
C GLU A 18 20.97 10.19 -3.79
N GLN A 19 22.00 10.83 -3.25
CA GLN A 19 22.95 10.16 -2.38
C GLN A 19 22.65 10.31 -0.85
N GLN A 20 22.03 11.41 -0.48
CA GLN A 20 21.84 11.75 0.93
C GLN A 20 20.35 11.93 1.25
N GLY A 21 19.48 11.55 0.32
CA GLY A 21 18.07 11.96 0.40
C GLY A 21 17.45 11.45 1.70
N THR A 22 17.83 10.24 2.06
CA THR A 22 17.34 9.53 3.23
C THR A 22 17.94 10.14 4.55
N VAL A 23 19.09 10.77 4.51
CA VAL A 23 19.55 11.56 5.68
C VAL A 23 18.54 12.72 5.85
N ILE A 24 18.16 13.35 4.73
CA ILE A 24 17.20 14.46 4.75
C ILE A 24 15.87 14.00 5.32
N THR A 25 15.36 12.88 4.80
CA THR A 25 14.01 12.44 5.22
C THR A 25 14.00 11.90 6.66
N ARG A 26 15.11 11.31 7.10
CA ARG A 26 15.15 10.80 8.46
C ARG A 26 15.15 11.96 9.45
N THR A 27 15.96 12.99 9.17
CA THR A 27 15.98 14.23 9.96
C THR A 27 14.59 14.86 9.98
N PHE A 28 13.98 14.97 8.81
CA PHE A 28 12.60 15.47 8.68
C PHE A 28 11.61 14.81 9.66
N TYR A 29 11.54 13.47 9.67
CA TYR A 29 10.58 12.74 10.49
C TYR A 29 10.91 12.94 11.96
N LYS A 30 12.19 12.83 12.30
CA LYS A 30 12.59 12.93 13.68
C LYS A 30 12.22 14.30 14.23
N ASN A 31 12.48 15.35 13.49
CA ASN A 31 12.18 16.69 13.98
C ASN A 31 10.69 17.00 14.02
N MET A 32 9.99 16.69 12.93
CA MET A 32 8.58 17.05 12.85
C MET A 32 7.76 16.30 13.88
N LEU A 33 8.00 14.99 14.02
CA LEU A 33 7.22 14.18 14.99
C LEU A 33 7.62 14.33 16.45
N THR A 34 8.87 14.73 16.73
CA THR A 34 9.31 15.05 18.09
C THR A 34 8.68 16.35 18.54
N GLU A 35 8.54 17.28 17.59
CA GLU A 35 8.12 18.63 17.93
C GLU A 35 6.62 18.79 17.83
N HIS A 36 6.00 17.88 17.11
CA HIS A 36 4.58 17.92 16.79
C HIS A 36 3.89 16.57 17.00
N THR A 37 3.84 16.17 18.26
CA THR A 37 3.35 14.84 18.61
C THR A 37 1.87 14.57 18.22
N GLU A 38 1.09 15.62 17.95
CA GLU A 38 -0.28 15.42 17.41
C GLU A 38 -0.30 14.64 16.07
N LEU A 39 0.79 14.70 15.31
CA LEU A 39 0.86 14.01 14.01
C LEU A 39 1.15 12.51 14.19
N LEU A 40 1.48 12.12 15.42
CA LEU A 40 1.64 10.71 15.80
C LEU A 40 0.30 9.99 15.80
N ASN A 41 -0.80 10.75 15.79
CA ASN A 41 -2.12 10.19 15.56
C ASN A 41 -2.34 9.82 14.08
N ILE A 42 -1.42 10.24 13.20
CA ILE A 42 -1.62 10.04 11.75
C ILE A 42 -0.47 9.20 11.14
N PHE A 43 0.77 9.61 11.44
CA PHE A 43 1.94 8.90 10.94
C PHE A 43 2.17 7.64 11.76
N ASN A 44 2.55 6.57 11.07
CA ASN A 44 2.82 5.25 11.61
C ASN A 44 4.26 5.24 12.06
N ARG A 45 4.45 5.35 13.37
CA ARG A 45 5.76 5.49 13.97
C ARG A 45 6.73 4.45 13.45
N THR A 46 6.22 3.24 13.27
CA THR A 46 7.03 2.10 12.93
C THR A 46 7.63 2.24 11.53
N ASN A 47 6.85 2.72 10.56
CA ASN A 47 7.36 2.84 9.20
C ASN A 47 8.53 3.79 9.11
N GLN A 48 8.57 4.79 9.99
CA GLN A 48 9.71 5.69 9.89
C GLN A 48 10.91 5.24 10.70
N LYS A 49 10.69 4.70 11.89
CA LYS A 49 11.82 4.39 12.76
C LYS A 49 12.57 3.16 12.32
N VAL A 50 11.85 2.21 11.75
CA VAL A 50 12.42 0.91 11.46
C VAL A 50 11.97 0.38 10.08
N GLY A 51 11.16 1.16 9.38
CA GLY A 51 10.61 0.73 8.09
C GLY A 51 11.12 1.60 6.94
N ALA A 52 10.44 1.51 5.81
CA ALA A 52 10.93 2.11 4.58
C ALA A 52 10.36 3.50 4.29
N GLN A 53 9.54 4.06 5.21
CA GLN A 53 8.98 5.38 4.98
C GLN A 53 10.02 6.45 4.63
N PRO A 54 11.21 6.47 5.27
CA PRO A 54 12.15 7.54 4.88
C PRO A 54 12.61 7.40 3.44
N ASN A 55 12.82 6.14 2.96
CA ASN A 55 13.18 5.90 1.55
C ASN A 55 12.09 6.26 0.57
N ALA A 56 10.82 6.02 0.93
CA ALA A 56 9.69 6.43 0.09
C ALA A 56 9.67 7.94 -0.13
N LEU A 57 9.72 8.72 0.94
CA LEU A 57 9.77 10.16 0.83
C LEU A 57 10.99 10.61 0.03
N ALA A 58 12.18 10.08 0.32
CA ALA A 58 13.44 10.52 -0.31
C ALA A 58 13.35 10.30 -1.83
N THR A 59 12.75 9.18 -2.22
CA THR A 59 12.62 8.82 -3.65
C THR A 59 11.66 9.78 -4.34
N THR A 60 10.63 10.20 -3.60
CA THR A 60 9.58 11.06 -4.17
C THR A 60 10.12 12.46 -4.35
N VAL A 61 10.88 12.92 -3.36
CA VAL A 61 11.46 14.26 -3.40
C VAL A 61 12.47 14.29 -4.53
N LEU A 62 13.28 13.24 -4.62
CA LEU A 62 14.21 13.08 -5.77
C LEU A 62 13.50 13.07 -7.14
N ALA A 63 12.42 12.32 -7.25
CA ALA A 63 11.74 12.24 -8.53
C ALA A 63 11.26 13.63 -8.89
N ALA A 64 10.76 14.38 -7.91
CA ALA A 64 10.24 15.73 -8.16
C ALA A 64 11.36 16.66 -8.62
N ALA A 65 12.52 16.57 -7.97
CA ALA A 65 13.66 17.39 -8.36
C ALA A 65 14.17 17.04 -9.74
N LYS A 66 14.24 15.75 -10.08
CA LYS A 66 14.72 15.37 -11.43
C LYS A 66 13.73 15.75 -12.54
N ASN A 67 12.44 15.88 -12.19
CA ASN A 67 11.39 16.23 -13.17
C ASN A 67 10.76 17.60 -12.95
N ILE A 68 11.57 18.52 -12.41
CA ILE A 68 11.07 19.82 -12.07
C ILE A 68 10.51 20.57 -13.31
N ASP A 69 11.08 20.37 -14.51
CA ASP A 69 10.53 20.97 -15.75
C ASP A 69 9.18 20.43 -16.20
N ASP A 70 8.77 19.29 -15.65
CA ASP A 70 7.57 18.64 -16.12
C ASP A 70 7.13 17.56 -15.14
N LEU A 71 6.42 17.99 -14.11
CA LEU A 71 6.02 17.14 -13.04
C LEU A 71 4.92 16.17 -13.42
N SER A 72 4.29 16.39 -14.57
CA SER A 72 3.20 15.55 -15.03
C SER A 72 3.65 14.11 -15.21
N VAL A 73 4.93 13.92 -15.50
CA VAL A 73 5.60 12.62 -15.58
C VAL A 73 5.29 11.72 -14.36
N LEU A 74 5.08 12.35 -13.22
CA LEU A 74 4.95 11.66 -11.96
C LEU A 74 3.51 11.32 -11.55
N MET A 75 2.55 11.64 -12.40
CA MET A 75 1.16 11.58 -12.01
C MET A 75 0.72 10.24 -11.46
N ASP A 76 1.21 9.13 -12.02
CA ASP A 76 0.82 7.81 -11.52
C ASP A 76 1.26 7.62 -10.06
N HIS A 77 2.48 8.09 -9.74
CA HIS A 77 2.99 8.06 -8.36
C HIS A 77 2.22 8.99 -7.50
N VAL A 78 1.89 10.19 -8.02
CA VAL A 78 1.12 11.14 -7.19
C VAL A 78 -0.27 10.52 -6.84
N LYS A 79 -0.92 9.90 -7.82
CA LYS A 79 -2.22 9.25 -7.55
C LYS A 79 -2.11 8.10 -6.54
N GLN A 80 -1.05 7.29 -6.66
CA GLN A 80 -0.81 6.19 -5.73
C GLN A 80 -0.71 6.70 -4.30
N ILE A 81 0.14 7.71 -4.08
CA ILE A 81 0.32 8.35 -2.78
C ILE A 81 -0.96 9.06 -2.35
N GLY A 82 -1.61 9.75 -3.29
CA GLY A 82 -2.83 10.45 -3.00
C GLY A 82 -3.95 9.57 -2.41
N HIS A 83 -4.09 8.36 -2.94
CA HIS A 83 -5.08 7.42 -2.42
C HIS A 83 -4.81 7.16 -0.92
N LYS A 84 -3.52 6.98 -0.53
CA LYS A 84 -3.16 6.74 0.89
C LYS A 84 -3.45 8.02 1.71
N HIS A 85 -2.96 9.18 1.26
CA HIS A 85 -3.29 10.49 1.89
C HIS A 85 -4.79 10.65 2.11
N ARG A 86 -5.55 10.40 1.05
CA ARG A 86 -7.03 10.55 1.14
C ARG A 86 -7.60 9.58 2.17
N ALA A 87 -7.16 8.31 2.14
CA ALA A 87 -7.65 7.32 3.11
C ALA A 87 -7.33 7.71 4.56
N LEU A 88 -6.20 8.42 4.71
CA LEU A 88 -5.66 8.80 6.04
C LEU A 88 -6.22 10.12 6.59
N GLN A 89 -7.06 10.77 5.77
CA GLN A 89 -7.71 12.07 6.04
C GLN A 89 -6.73 13.28 6.01
N ILE A 90 -5.69 13.19 5.18
CA ILE A 90 -4.78 14.33 5.01
C ILE A 90 -5.52 15.45 4.27
N LYS A 91 -5.51 16.68 4.80
CA LYS A 91 -6.21 17.84 4.19
C LYS A 91 -5.27 18.93 3.76
N PRO A 92 -5.75 19.92 2.97
CA PRO A 92 -4.85 21.04 2.59
C PRO A 92 -4.10 21.68 3.78
N GLU A 93 -4.76 21.82 4.92
CA GLU A 93 -4.15 22.58 6.02
C GLU A 93 -3.02 21.81 6.74
N HIS A 94 -2.79 20.57 6.33
CA HIS A 94 -1.65 19.77 6.83
C HIS A 94 -0.39 20.04 6.02
N TYR A 95 -0.55 20.49 4.77
CA TYR A 95 0.61 20.67 3.89
C TYR A 95 1.64 21.67 4.30
N PRO A 96 1.27 22.83 4.87
CA PRO A 96 2.31 23.78 5.21
C PRO A 96 3.32 23.31 6.26
N ILE A 97 2.89 22.48 7.22
CA ILE A 97 3.82 22.03 8.27
C ILE A 97 4.89 21.09 7.67
N VAL A 98 4.44 20.23 6.76
CA VAL A 98 5.35 19.33 6.03
C VAL A 98 6.37 20.13 5.23
N GLY A 99 5.90 21.20 4.57
CA GLY A 99 6.80 22.09 3.83
C GLY A 99 7.82 22.73 4.77
N GLU A 100 7.38 23.18 5.94
CA GLU A 100 8.27 23.84 6.93
C GLU A 100 9.39 22.88 7.29
N TYR A 101 9.01 21.66 7.63
CA TYR A 101 9.94 20.67 8.14
C TYR A 101 10.83 20.11 7.03
N LEU A 102 10.28 20.02 5.83
CA LEU A 102 11.12 19.58 4.69
C LEU A 102 12.20 20.61 4.45
N LEU A 103 11.84 21.89 4.39
CA LEU A 103 12.83 22.93 4.10
C LEU A 103 13.87 23.02 5.20
N LYS A 104 13.42 22.85 6.44
CA LYS A 104 14.30 22.85 7.60
C LYS A 104 15.27 21.64 7.52
N ALA A 105 14.79 20.46 7.11
CA ALA A 105 15.66 19.24 7.01
C ALA A 105 16.71 19.42 5.89
N ILE A 106 16.28 19.99 4.77
CA ILE A 106 17.18 20.36 3.66
C ILE A 106 18.30 21.32 4.10
N LYS A 107 17.94 22.36 4.83
CA LYS A 107 18.87 23.32 5.35
C LYS A 107 19.85 22.64 6.34
N GLU A 108 19.30 21.86 7.28
CA GLU A 108 20.13 21.17 8.28
C GLU A 108 21.17 20.27 7.60
N VAL A 109 20.76 19.51 6.60
CA VAL A 109 21.64 18.50 5.96
C VAL A 109 22.63 19.14 4.99
N LEU A 110 22.15 20.08 4.18
CA LEU A 110 23.03 20.77 3.27
C LEU A 110 24.05 21.71 3.94
N GLY A 111 23.71 22.27 5.11
CA GLY A 111 24.68 23.06 5.89
C GLY A 111 25.01 24.34 5.15
N ASP A 112 26.29 24.71 5.09
CA ASP A 112 26.69 25.91 4.34
C ASP A 112 26.36 25.76 2.83
N ALA A 113 26.15 24.52 2.38
CA ALA A 113 25.74 24.29 1.00
C ALA A 113 24.23 24.56 0.71
N ALA A 114 23.56 25.29 1.61
CA ALA A 114 22.16 25.70 1.40
C ALA A 114 21.97 27.16 1.73
N THR A 115 22.21 28.00 0.73
CA THR A 115 22.04 29.45 0.85
C THR A 115 20.53 29.80 0.84
N PRO A 116 20.19 31.05 1.18
CA PRO A 116 18.75 31.43 1.20
C PRO A 116 18.04 31.25 -0.16
N GLU A 117 18.79 31.43 -1.25
CA GLU A 117 18.28 31.24 -2.60
C GLU A 117 17.90 29.79 -2.89
N ILE A 118 18.72 28.86 -2.43
CA ILE A 118 18.48 27.44 -2.58
C ILE A 118 17.24 27.05 -1.76
N ILE A 119 17.15 27.54 -0.53
CA ILE A 119 15.97 27.30 0.31
C ILE A 119 14.72 27.91 -0.31
N ASN A 120 14.84 29.12 -0.85
CA ASN A 120 13.71 29.83 -1.44
C ASN A 120 13.13 29.05 -2.59
N ALA A 121 14.01 28.58 -3.47
CA ALA A 121 13.66 27.73 -4.59
C ALA A 121 12.91 26.48 -4.15
N TRP A 122 13.44 25.76 -3.16
CA TRP A 122 12.72 24.61 -2.61
C TRP A 122 11.34 24.97 -2.07
N GLY A 123 11.23 26.14 -1.44
CA GLY A 123 9.91 26.62 -1.02
C GLY A 123 8.94 26.71 -2.20
N GLU A 124 9.42 27.34 -3.29
CA GLU A 124 8.67 27.42 -4.55
C GLU A 124 8.35 26.03 -5.14
N ALA A 125 9.36 25.17 -5.27
CA ALA A 125 9.12 23.79 -5.70
C ALA A 125 8.10 23.08 -4.80
N TYR A 126 8.21 23.24 -3.47
CA TYR A 126 7.29 22.56 -2.56
C TYR A 126 5.87 23.02 -2.88
N GLN A 127 5.69 24.32 -3.07
CA GLN A 127 4.37 24.88 -3.25
C GLN A 127 3.71 24.27 -4.51
N ALA A 128 4.51 24.10 -5.56
CA ALA A 128 4.01 23.57 -6.82
C ALA A 128 3.65 22.08 -6.70
N ILE A 129 4.52 21.32 -6.04
CA ILE A 129 4.32 19.89 -5.82
C ILE A 129 3.11 19.70 -4.88
N ALA A 130 3.08 20.45 -3.78
CA ALA A 130 1.97 20.34 -2.84
C ALA A 130 0.62 20.68 -3.50
N ASP A 131 0.60 21.70 -4.35
CA ASP A 131 -0.61 22.05 -5.08
C ASP A 131 -1.10 20.89 -5.93
N ILE A 132 -0.19 20.13 -6.53
CA ILE A 132 -0.62 18.97 -7.34
C ILE A 132 -1.31 17.88 -6.50
N PHE A 133 -0.66 17.46 -5.43
CA PHE A 133 -1.22 16.46 -4.52
C PHE A 133 -2.59 16.91 -3.97
N ILE A 134 -2.69 18.17 -3.54
CA ILE A 134 -3.92 18.68 -2.94
C ILE A 134 -5.06 18.55 -3.93
N THR A 135 -4.75 18.85 -5.19
CA THR A 135 -5.69 18.79 -6.30
C THR A 135 -6.19 17.33 -6.55
N VAL A 136 -5.26 16.40 -6.72
CA VAL A 136 -5.59 14.97 -6.93
C VAL A 136 -6.45 14.48 -5.76
N GLU A 137 -6.05 14.87 -4.56
CA GLU A 137 -6.71 14.37 -3.36
C GLU A 137 -8.12 14.95 -3.23
N LYS A 138 -8.30 16.20 -3.64
CA LYS A 138 -9.63 16.74 -3.64
C LYS A 138 -10.57 15.91 -4.54
N LYS A 139 -10.07 15.48 -5.69
CA LYS A 139 -10.87 14.66 -6.58
C LYS A 139 -11.25 13.35 -5.85
N MET A 140 -10.25 12.71 -5.23
CA MET A 140 -10.43 11.45 -4.47
C MET A 140 -11.43 11.62 -3.32
N TYR A 141 -11.36 12.76 -2.60
CA TYR A 141 -12.41 13.08 -1.59
C TYR A 141 -13.81 13.13 -2.25
N GLU A 142 -13.90 13.77 -3.41
CA GLU A 142 -15.15 13.80 -4.18
C GLU A 142 -15.68 12.41 -4.60
N GLU A 143 -14.78 11.49 -4.95
CA GLU A 143 -15.19 10.17 -5.42
C GLU A 143 -15.34 9.14 -4.28
N ALA A 144 -14.74 9.41 -3.12
CA ALA A 144 -14.87 8.52 -1.95
C ALA A 144 -16.29 8.00 -1.79
N LEU A 145 -16.41 6.73 -1.42
CA LEU A 145 -17.73 6.14 -1.29
C LEU A 145 -18.52 6.69 -0.11
N TRP A 146 -17.81 7.10 0.95
CA TRP A 146 -18.47 7.75 2.08
C TRP A 146 -17.48 8.76 2.65
N PRO A 147 -17.97 9.76 3.38
CA PRO A 147 -16.99 10.76 3.85
C PRO A 147 -16.33 10.44 5.20
N GLY A 148 -15.02 10.71 5.31
CA GLY A 148 -14.27 10.58 6.58
C GLY A 148 -14.29 9.19 7.22
N TRP A 149 -14.09 9.14 8.53
CA TRP A 149 -14.17 7.91 9.31
C TRP A 149 -15.63 7.63 9.57
N LYS A 150 -16.08 6.41 9.28
CA LYS A 150 -17.44 5.99 9.65
C LYS A 150 -17.43 4.71 10.54
N PRO A 151 -18.41 4.61 11.43
CA PRO A 151 -18.51 3.46 12.34
C PRO A 151 -19.10 2.19 11.69
N PHE A 152 -18.36 1.09 11.82
CA PHE A 152 -18.78 -0.26 11.46
C PHE A 152 -18.80 -1.14 12.72
N GLU A 153 -19.61 -2.17 12.67
CA GLU A 153 -19.62 -3.17 13.72
C GLU A 153 -18.88 -4.39 13.22
N ILE A 154 -18.00 -4.95 14.05
CA ILE A 154 -17.38 -6.23 13.72
C ILE A 154 -18.43 -7.33 13.89
N THR A 155 -18.76 -8.01 12.80
CA THR A 155 -19.81 -9.06 12.89
C THR A 155 -19.17 -10.47 12.86
N ALA A 156 -17.92 -10.58 12.41
CA ALA A 156 -17.21 -11.88 12.46
C ALA A 156 -15.71 -11.73 12.49
N LYS A 157 -15.04 -12.69 13.11
CA LYS A 157 -13.58 -12.75 13.10
C LYS A 157 -13.27 -14.24 12.93
N GLU A 158 -12.71 -14.62 11.80
CA GLU A 158 -12.49 -16.04 11.53
C GLU A 158 -11.03 -16.23 11.12
N TYR A 159 -10.36 -17.22 11.69
CA TYR A 159 -9.03 -17.60 11.25
C TYR A 159 -9.04 -18.18 9.82
N VAL A 160 -8.31 -17.56 8.89
CA VAL A 160 -8.16 -18.07 7.53
C VAL A 160 -6.75 -18.68 7.33
N ALA A 161 -5.91 -18.58 8.39
CA ALA A 161 -4.69 -19.37 8.57
C ALA A 161 -4.46 -19.40 10.08
N SER A 162 -3.44 -20.12 10.53
CA SER A 162 -3.09 -20.15 11.96
C SER A 162 -2.92 -18.74 12.58
N ASP A 163 -2.46 -17.76 11.80
CA ASP A 163 -2.15 -16.45 12.34
C ASP A 163 -2.73 -15.32 11.50
N ILE A 164 -3.75 -15.61 10.68
CA ILE A 164 -4.45 -14.58 9.93
C ILE A 164 -5.94 -14.62 10.21
N VAL A 165 -6.51 -13.48 10.62
CA VAL A 165 -7.92 -13.42 11.00
C VAL A 165 -8.65 -12.56 10.01
N GLU A 166 -9.66 -13.13 9.36
CA GLU A 166 -10.54 -12.35 8.51
C GLU A 166 -11.67 -11.67 9.30
N PHE A 167 -11.77 -10.35 9.13
CA PHE A 167 -12.78 -9.52 9.79
C PHE A 167 -13.94 -9.32 8.82
N THR A 168 -15.17 -9.50 9.32
CA THR A 168 -16.34 -9.09 8.55
C THR A 168 -16.93 -7.91 9.31
N VAL A 169 -17.08 -6.79 8.61
CA VAL A 169 -17.65 -5.55 9.17
C VAL A 169 -18.91 -5.06 8.43
N LYS A 170 -19.92 -4.61 9.17
CA LYS A 170 -21.13 -3.98 8.59
C LYS A 170 -21.29 -2.55 9.14
N PRO A 171 -21.68 -1.59 8.28
CA PRO A 171 -21.79 -0.19 8.71
C PRO A 171 -22.80 -0.05 9.83
N LYS A 172 -22.52 0.78 10.83
CA LYS A 172 -23.52 1.04 11.88
C LYS A 172 -24.68 1.79 11.24
N PHE A 173 -25.89 1.52 11.68
CA PHE A 173 -27.01 2.21 11.09
C PHE A 173 -26.92 3.69 11.44
N GLY A 174 -27.14 4.56 10.44
CA GLY A 174 -26.98 6.00 10.56
C GLY A 174 -25.60 6.45 10.09
N SER A 175 -24.79 5.53 9.57
CA SER A 175 -23.52 5.90 8.94
C SER A 175 -23.80 6.37 7.52
N GLY A 176 -25.05 6.19 7.08
CA GLY A 176 -25.48 6.44 5.70
C GLY A 176 -24.87 5.50 4.65
N ILE A 177 -24.25 4.41 5.08
CA ILE A 177 -23.57 3.47 4.15
C ILE A 177 -24.43 2.24 3.91
N GLU A 178 -24.75 1.99 2.64
CA GLU A 178 -25.54 0.83 2.23
C GLU A 178 -24.70 -0.30 1.59
N LEU A 179 -24.57 -1.43 2.28
CA LEU A 179 -23.74 -2.55 1.79
C LEU A 179 -24.11 -3.05 0.40
N GLU A 180 -25.38 -2.93 0.03
CA GLU A 180 -25.83 -3.37 -1.28
C GLU A 180 -25.47 -2.37 -2.39
N SER A 181 -25.15 -1.14 -2.00
CA SER A 181 -24.81 -0.11 -2.97
C SER A 181 -23.37 0.35 -2.76
N LEU A 182 -22.42 -0.58 -2.80
CA LEU A 182 -21.00 -0.22 -2.61
C LEU A 182 -20.17 -0.91 -3.69
N PRO A 183 -19.97 -0.27 -4.82
CA PRO A 183 -19.12 -0.89 -5.85
C PRO A 183 -17.65 -0.98 -5.42
N ILE A 184 -17.16 -2.19 -5.18
CA ILE A 184 -15.75 -2.41 -4.80
C ILE A 184 -15.03 -2.85 -6.07
N THR A 185 -13.80 -2.38 -6.28
CA THR A 185 -12.93 -2.94 -7.32
C THR A 185 -11.91 -3.84 -6.60
N PRO A 186 -11.83 -5.13 -6.97
CA PRO A 186 -10.79 -6.01 -6.36
C PRO A 186 -9.37 -5.41 -6.46
N GLY A 187 -8.65 -5.35 -5.34
CA GLY A 187 -7.37 -4.62 -5.28
C GLY A 187 -7.39 -3.45 -4.33
N GLN A 188 -8.58 -2.91 -4.07
CA GLN A 188 -8.72 -1.79 -3.15
C GLN A 188 -8.49 -2.23 -1.74
N TYR A 189 -8.07 -1.29 -0.89
CA TYR A 189 -7.92 -1.53 0.54
C TYR A 189 -8.85 -0.53 1.27
N ILE A 190 -9.22 -0.85 2.51
CA ILE A 190 -9.87 0.11 3.40
C ILE A 190 -8.83 0.52 4.44
N THR A 191 -9.18 1.48 5.30
CA THR A 191 -8.27 1.97 6.33
C THR A 191 -9.02 2.04 7.65
N VAL A 192 -8.40 1.55 8.71
CA VAL A 192 -9.04 1.58 10.02
C VAL A 192 -8.43 2.70 10.84
N ASN A 193 -9.25 3.31 11.67
CA ASN A 193 -8.75 4.28 12.61
C ASN A 193 -8.97 3.69 14.00
N THR A 194 -7.90 3.21 14.64
CA THR A 194 -8.06 2.53 15.94
C THR A 194 -7.27 3.27 16.97
N HIS A 195 -7.49 2.96 18.23
CA HIS A 195 -6.64 3.52 19.27
C HIS A 195 -6.22 2.35 20.19
N PRO A 196 -5.09 1.69 19.89
CA PRO A 196 -4.74 0.47 20.68
C PRO A 196 -4.50 0.80 22.14
N ILE A 197 -4.76 -0.17 23.01
CA ILE A 197 -4.74 0.10 24.45
C ILE A 197 -3.53 -0.56 25.10
N ARG A 198 -2.95 -1.55 24.42
CA ARG A 198 -1.75 -2.18 24.98
C ARG A 198 -0.49 -1.36 24.71
N GLN A 199 0.62 -1.78 25.33
CA GLN A 199 1.98 -1.29 25.08
C GLN A 199 2.15 0.18 25.42
N GLU A 200 1.39 0.65 26.41
CA GLU A 200 1.34 2.09 26.75
C GLU A 200 0.98 3.00 25.57
N ASN A 201 0.24 2.50 24.57
CA ASN A 201 -0.11 3.38 23.44
C ASN A 201 -0.94 4.62 23.88
N GLN A 202 -0.56 5.80 23.37
CA GLN A 202 -1.25 7.08 23.63
C GLN A 202 -1.88 7.69 22.35
N TYR A 203 -1.63 7.10 21.18
CA TYR A 203 -2.10 7.71 19.93
C TYR A 203 -3.06 6.87 19.13
N ASP A 204 -3.80 7.51 18.23
CA ASP A 204 -4.56 6.77 17.24
C ASP A 204 -3.59 6.02 16.34
N ALA A 205 -4.09 4.98 15.68
CA ALA A 205 -3.21 4.23 14.81
C ALA A 205 -3.99 3.87 13.58
N LEU A 206 -3.48 4.30 12.43
CA LEU A 206 -4.20 4.10 11.18
C LEU A 206 -3.52 3.02 10.38
N ARG A 207 -4.30 2.08 9.86
CA ARG A 207 -3.73 1.05 8.99
C ARG A 207 -4.64 0.70 7.83
N HIS A 208 -4.00 0.39 6.71
CA HIS A 208 -4.63 -0.15 5.52
C HIS A 208 -4.71 -1.68 5.58
N TYR A 209 -5.86 -2.19 5.18
CA TYR A 209 -6.11 -3.63 4.99
C TYR A 209 -6.88 -3.80 3.69
N SER A 210 -6.34 -4.65 2.83
CA SER A 210 -6.96 -5.02 1.57
C SER A 210 -8.31 -5.71 1.80
N LEU A 211 -9.24 -5.44 0.90
CA LEU A 211 -10.51 -6.19 0.86
C LEU A 211 -10.25 -7.58 0.26
N CYS A 212 -10.73 -8.63 0.95
CA CYS A 212 -10.70 -10.02 0.48
C CYS A 212 -11.66 -10.35 -0.61
N SER A 213 -12.70 -9.53 -0.79
CA SER A 213 -13.74 -9.82 -1.77
C SER A 213 -14.33 -8.54 -2.31
N ALA A 214 -14.80 -8.54 -3.56
CA ALA A 214 -15.58 -7.44 -4.06
C ALA A 214 -17.08 -7.62 -3.79
N SER A 215 -17.46 -8.72 -3.14
CA SER A 215 -18.83 -8.90 -2.70
C SER A 215 -19.01 -8.29 -1.30
N THR A 216 -20.04 -7.46 -1.14
CA THR A 216 -20.24 -6.65 0.07
C THR A 216 -21.60 -6.90 0.72
N LYS A 217 -22.48 -7.58 -0.02
CA LYS A 217 -23.85 -7.82 0.40
C LYS A 217 -23.93 -8.27 1.86
N ASN A 218 -23.00 -9.15 2.27
CA ASN A 218 -23.00 -9.63 3.63
C ASN A 218 -21.90 -9.05 4.52
N GLY A 219 -21.44 -7.83 4.18
CA GLY A 219 -20.39 -7.14 4.96
C GLY A 219 -19.07 -7.02 4.20
N LEU A 220 -18.24 -6.03 4.58
CA LEU A 220 -16.90 -5.91 4.02
C LEU A 220 -15.97 -6.85 4.77
N ARG A 221 -15.03 -7.44 4.02
CA ARG A 221 -14.08 -8.40 4.57
C ARG A 221 -12.62 -8.00 4.30
N PHE A 222 -11.82 -8.07 5.36
CA PHE A 222 -10.38 -7.84 5.23
C PHE A 222 -9.69 -8.77 6.23
N ALA A 223 -8.42 -9.11 5.99
CA ALA A 223 -7.75 -10.11 6.81
C ALA A 223 -6.44 -9.56 7.38
N VAL A 224 -6.21 -9.77 8.67
CA VAL A 224 -5.06 -9.15 9.37
C VAL A 224 -4.13 -10.24 9.84
N LYS A 225 -2.88 -10.19 9.41
CA LYS A 225 -1.89 -11.12 9.90
C LYS A 225 -1.40 -10.65 11.28
N MET A 226 -1.27 -11.55 12.25
CA MET A 226 -0.78 -11.18 13.56
C MET A 226 0.73 -11.01 13.51
N GLU A 227 1.16 -9.75 13.66
CA GLU A 227 2.57 -9.41 13.74
C GLU A 227 2.99 -9.62 15.21
N ALA A 228 3.37 -10.85 15.54
CA ALA A 228 3.60 -11.25 16.95
C ALA A 228 4.97 -10.80 17.51
N ALA A 229 5.10 -10.81 18.84
CA ALA A 229 6.34 -10.37 19.45
C ALA A 229 7.39 -11.50 19.42
N ARG A 230 8.55 -11.19 18.85
CA ARG A 230 9.71 -12.07 18.84
C ARG A 230 10.69 -11.46 19.83
N GLU A 231 11.26 -12.28 20.72
CA GLU A 231 12.18 -11.79 21.73
C GLU A 231 12.93 -10.56 21.21
N ASN A 232 12.87 -9.49 21.99
CA ASN A 232 13.31 -8.14 21.61
C ASN A 232 12.18 -7.20 21.14
N PHE A 233 11.70 -7.36 19.91
CA PHE A 233 10.72 -6.37 19.39
C PHE A 233 9.22 -6.64 19.63
N PRO A 234 8.47 -5.55 19.82
CA PRO A 234 7.07 -5.65 20.26
C PRO A 234 6.20 -6.30 19.21
N ALA A 235 5.03 -6.79 19.63
CA ALA A 235 4.04 -7.27 18.70
C ALA A 235 3.54 -6.07 17.92
N GLY A 236 3.00 -6.31 16.73
CA GLY A 236 2.52 -5.22 15.89
C GLY A 236 1.31 -4.63 16.60
N LEU A 237 1.20 -3.31 16.60
CA LEU A 237 0.31 -2.67 17.56
C LEU A 237 -1.16 -2.89 17.23
N VAL A 238 -1.48 -2.64 15.98
CA VAL A 238 -2.86 -2.67 15.53
C VAL A 238 -3.27 -4.10 15.23
N SER A 239 -2.38 -4.91 14.67
CA SER A 239 -2.72 -6.31 14.46
C SER A 239 -3.00 -7.00 15.81
N GLU A 240 -2.17 -6.75 16.84
CA GLU A 240 -2.41 -7.25 18.18
C GLU A 240 -3.75 -6.77 18.74
N TYR A 241 -4.00 -5.46 18.62
CA TYR A 241 -5.25 -4.88 19.10
C TYR A 241 -6.47 -5.54 18.39
N LEU A 242 -6.39 -5.69 17.07
CA LEU A 242 -7.50 -6.27 16.30
C LEU A 242 -7.67 -7.75 16.65
N HIS A 243 -6.56 -8.53 16.70
CA HIS A 243 -6.66 -9.93 17.14
C HIS A 243 -7.16 -10.13 18.55
N LYS A 244 -6.56 -9.43 19.53
CA LYS A 244 -6.86 -9.73 20.96
C LYS A 244 -7.91 -8.83 21.64
N ASP A 245 -8.05 -7.58 21.20
CA ASP A 245 -8.87 -6.64 21.95
C ASP A 245 -10.20 -6.28 21.27
N ALA A 246 -10.21 -6.18 19.94
CA ALA A 246 -11.44 -5.83 19.22
C ALA A 246 -12.32 -7.08 18.97
N LYS A 247 -13.39 -7.23 19.75
CA LYS A 247 -14.28 -8.37 19.69
C LYS A 247 -15.40 -8.22 18.64
N VAL A 248 -15.99 -9.34 18.21
CA VAL A 248 -17.28 -9.35 17.50
C VAL A 248 -18.29 -8.50 18.30
N GLY A 249 -18.92 -7.53 17.64
CA GLY A 249 -19.94 -6.65 18.30
C GLY A 249 -19.36 -5.27 18.54
N ASP A 250 -18.04 -5.15 18.60
CA ASP A 250 -17.39 -3.84 18.81
C ASP A 250 -17.42 -3.01 17.54
N GLU A 251 -17.37 -1.70 17.71
CA GLU A 251 -17.26 -0.74 16.62
C GLU A 251 -15.81 -0.63 16.18
N ILE A 252 -15.61 -0.37 14.90
CA ILE A 252 -14.32 -0.02 14.33
C ILE A 252 -14.59 1.07 13.28
N LYS A 253 -13.69 2.04 13.20
CA LYS A 253 -13.83 3.12 12.23
C LYS A 253 -13.02 2.91 10.97
N LEU A 254 -13.73 3.07 9.85
CA LEU A 254 -13.15 2.91 8.50
C LEU A 254 -13.35 4.13 7.60
N SER A 255 -12.35 4.40 6.75
CA SER A 255 -12.55 5.31 5.63
C SER A 255 -12.72 4.48 4.35
N ALA A 256 -13.32 5.13 3.36
CA ALA A 256 -13.78 4.45 2.18
C ALA A 256 -12.65 3.76 1.38
N PRO A 257 -13.02 2.75 0.59
CA PRO A 257 -12.03 1.99 -0.18
C PRO A 257 -11.07 2.90 -0.98
N ALA A 258 -9.80 2.53 -1.03
CA ALA A 258 -8.84 3.35 -1.71
C ALA A 258 -7.87 2.50 -2.53
N GLY A 259 -7.05 3.14 -3.37
CA GLY A 259 -5.96 2.43 -4.00
C GLY A 259 -6.04 2.30 -5.50
N ASP A 260 -4.89 2.10 -6.12
CA ASP A 260 -4.86 1.96 -7.59
C ASP A 260 -4.56 0.53 -8.05
N PHE A 261 -4.46 -0.41 -7.10
CA PHE A 261 -4.24 -1.79 -7.44
C PHE A 261 -5.58 -2.38 -7.94
N ALA A 262 -5.60 -2.90 -9.16
CA ALA A 262 -6.85 -3.35 -9.79
C ALA A 262 -6.53 -4.25 -10.98
N ILE A 263 -7.31 -5.29 -11.15
CA ILE A 263 -7.17 -6.18 -12.31
C ILE A 263 -7.58 -5.42 -13.58
N ASN A 264 -6.84 -5.60 -14.67
CA ASN A 264 -7.14 -4.97 -15.97
C ASN A 264 -8.51 -5.47 -16.44
N LYS A 265 -9.50 -4.59 -16.44
CA LYS A 265 -10.89 -4.95 -16.80
C LYS A 265 -11.11 -5.53 -18.19
N GLU A 266 -10.32 -5.12 -19.19
CA GLU A 266 -10.53 -5.61 -20.58
C GLU A 266 -9.92 -6.99 -20.78
N LEU A 267 -9.01 -7.38 -19.90
CA LEU A 267 -8.37 -8.67 -20.04
C LEU A 267 -9.14 -9.81 -19.34
N ILE A 268 -10.05 -9.47 -18.43
CA ILE A 268 -10.86 -10.49 -17.76
C ILE A 268 -11.56 -11.43 -18.74
N HIS A 269 -12.17 -10.85 -19.79
CA HIS A 269 -13.08 -11.61 -20.61
C HIS A 269 -12.46 -12.32 -21.81
N GLN A 270 -11.14 -12.35 -21.89
CA GLN A 270 -10.52 -13.03 -23.02
C GLN A 270 -9.61 -14.16 -22.54
N ASN A 271 -9.18 -14.99 -23.47
CA ASN A 271 -8.47 -16.23 -23.13
C ASN A 271 -7.04 -16.31 -23.67
N GLU A 272 -6.64 -15.34 -24.48
CA GLU A 272 -5.33 -15.37 -25.14
C GLU A 272 -4.22 -14.93 -24.18
N VAL A 273 -4.55 -13.95 -23.33
CA VAL A 273 -3.63 -13.43 -22.33
C VAL A 273 -3.95 -14.03 -20.96
N PRO A 274 -3.01 -14.78 -20.42
CA PRO A 274 -3.21 -15.43 -19.14
C PRO A 274 -3.13 -14.48 -17.93
N LEU A 275 -3.76 -14.87 -16.84
CA LEU A 275 -3.62 -14.17 -15.57
C LEU A 275 -2.63 -14.87 -14.66
N VAL A 276 -1.68 -14.11 -14.12
CA VAL A 276 -0.76 -14.64 -13.10
C VAL A 276 -0.99 -13.88 -11.82
N LEU A 277 -1.30 -14.61 -10.75
CA LEU A 277 -1.50 -14.01 -9.45
C LEU A 277 -0.48 -14.63 -8.48
N LEU A 278 0.48 -13.78 -8.07
CA LEU A 278 1.67 -14.19 -7.38
C LEU A 278 1.74 -13.57 -5.98
N SER A 279 1.58 -14.36 -4.93
CA SER A 279 1.49 -13.77 -3.58
C SER A 279 2.46 -14.35 -2.58
N SER A 280 2.74 -13.58 -1.54
CA SER A 280 3.49 -14.05 -0.40
C SER A 280 2.79 -13.65 0.88
N GLY A 281 2.64 -14.62 1.77
CA GLY A 281 1.97 -14.45 3.04
C GLY A 281 0.56 -13.89 2.93
N VAL A 282 0.30 -12.87 3.75
CA VAL A 282 -0.98 -12.13 3.75
C VAL A 282 -1.21 -11.30 2.46
N GLY A 283 -0.14 -11.07 1.68
CA GLY A 283 -0.26 -10.45 0.35
C GLY A 283 -1.28 -11.13 -0.55
N VAL A 284 -1.60 -12.38 -0.20
CA VAL A 284 -2.67 -13.10 -0.92
C VAL A 284 -4.03 -12.38 -0.99
N THR A 285 -4.33 -11.53 -0.02
CA THR A 285 -5.70 -11.02 0.18
C THR A 285 -6.36 -10.27 -0.99
N PRO A 286 -5.73 -9.23 -1.58
CA PRO A 286 -6.34 -8.61 -2.77
C PRO A 286 -6.30 -9.55 -4.00
N LEU A 287 -5.36 -10.50 -4.07
CA LEU A 287 -5.35 -11.48 -5.15
C LEU A 287 -6.50 -12.46 -5.08
N LEU A 288 -6.94 -12.83 -3.86
CA LEU A 288 -8.15 -13.61 -3.72
C LEU A 288 -9.33 -12.80 -4.25
N ALA A 289 -9.36 -11.51 -3.94
CA ALA A 289 -10.47 -10.67 -4.45
C ALA A 289 -10.54 -10.73 -5.98
N MET A 290 -9.36 -10.66 -6.60
CA MET A 290 -9.22 -10.59 -8.06
C MET A 290 -9.56 -11.95 -8.64
N LEU A 291 -9.08 -13.03 -8.01
CA LEU A 291 -9.37 -14.40 -8.48
C LEU A 291 -10.86 -14.62 -8.45
N GLU A 292 -11.48 -14.15 -7.37
CA GLU A 292 -12.93 -14.21 -7.28
C GLU A 292 -13.63 -13.50 -8.48
N GLU A 293 -13.15 -12.32 -8.81
CA GLU A 293 -13.76 -11.53 -9.89
C GLU A 293 -13.53 -12.27 -11.22
N GLN A 294 -12.31 -12.79 -11.42
CA GLN A 294 -11.97 -13.47 -12.66
C GLN A 294 -12.84 -14.72 -12.87
N VAL A 295 -12.94 -15.52 -11.83
CA VAL A 295 -13.70 -16.76 -11.87
C VAL A 295 -15.18 -16.50 -12.06
N LYS A 296 -15.73 -15.45 -11.44
CA LYS A 296 -17.17 -15.16 -11.65
C LYS A 296 -17.40 -14.61 -13.07
N CYS A 297 -16.50 -13.78 -13.57
CA CYS A 297 -16.71 -13.15 -14.90
C CYS A 297 -16.31 -14.04 -16.07
N ASN A 298 -15.18 -14.76 -15.97
CA ASN A 298 -14.75 -15.69 -17.04
C ASN A 298 -13.84 -16.82 -16.53
N PRO A 299 -14.43 -17.98 -16.19
CA PRO A 299 -13.64 -19.10 -15.66
C PRO A 299 -12.77 -19.84 -16.70
N ASN A 300 -12.83 -19.44 -17.96
CA ASN A 300 -12.04 -20.11 -18.99
C ASN A 300 -10.66 -19.50 -19.20
N ARG A 301 -10.43 -18.31 -18.64
CA ARG A 301 -9.13 -17.65 -18.79
C ARG A 301 -8.01 -18.48 -18.16
N PRO A 302 -6.89 -18.64 -18.88
CA PRO A 302 -5.75 -19.35 -18.35
C PRO A 302 -5.27 -18.61 -17.11
N ILE A 303 -5.27 -19.31 -15.96
CA ILE A 303 -4.90 -18.72 -14.68
C ILE A 303 -3.75 -19.46 -14.01
N TYR A 304 -2.80 -18.69 -13.47
CA TYR A 304 -1.66 -19.22 -12.71
C TYR A 304 -1.68 -18.59 -11.31
N TRP A 305 -2.00 -19.42 -10.31
CA TRP A 305 -2.06 -19.06 -8.90
C TRP A 305 -0.75 -19.51 -8.25
N ILE A 306 0.14 -18.54 -7.97
CA ILE A 306 1.42 -18.86 -7.34
C ILE A 306 1.45 -18.29 -5.91
N GLN A 307 1.37 -19.13 -4.91
CA GLN A 307 1.19 -18.62 -3.55
C GLN A 307 2.28 -19.15 -2.62
N SER A 308 3.02 -18.25 -1.97
CA SER A 308 4.13 -18.63 -1.10
C SER A 308 3.71 -18.34 0.32
N SER A 309 4.14 -19.21 1.24
CA SER A 309 3.95 -18.98 2.69
C SER A 309 4.99 -19.80 3.43
N TYR A 310 5.09 -19.64 4.74
CA TYR A 310 6.05 -20.41 5.50
C TYR A 310 5.74 -21.91 5.44
N ASP A 311 4.50 -22.27 5.69
CA ASP A 311 4.08 -23.68 5.71
C ASP A 311 2.58 -23.71 5.51
N GLU A 312 1.99 -24.90 5.58
CA GLU A 312 0.56 -25.04 5.22
C GLU A 312 -0.35 -24.28 6.23
N LYS A 313 -0.09 -24.39 7.53
CA LYS A 313 -0.95 -23.71 8.48
C LYS A 313 -0.95 -22.18 8.34
N THR A 314 0.20 -21.62 7.92
CA THR A 314 0.27 -20.19 7.66
C THR A 314 -0.18 -19.81 6.25
N GLN A 315 -0.58 -20.79 5.42
CA GLN A 315 -1.04 -20.45 4.05
C GLN A 315 -2.53 -20.10 4.14
N ALA A 316 -2.88 -18.85 3.80
CA ALA A 316 -4.22 -18.33 4.01
C ALA A 316 -5.22 -18.76 2.93
N PHE A 317 -6.50 -18.81 3.31
CA PHE A 317 -7.64 -19.10 2.43
C PHE A 317 -7.54 -20.42 1.61
N LYS A 318 -6.99 -21.49 2.22
CA LYS A 318 -6.75 -22.74 1.44
C LYS A 318 -8.02 -23.31 0.81
N LYS A 319 -9.05 -23.52 1.62
CA LYS A 319 -10.33 -24.00 1.13
C LYS A 319 -10.98 -23.04 0.12
N HIS A 320 -10.95 -21.74 0.45
CA HIS A 320 -11.54 -20.73 -0.40
C HIS A 320 -10.91 -20.81 -1.80
N VAL A 321 -9.58 -20.80 -1.84
CA VAL A 321 -8.86 -20.75 -3.11
C VAL A 321 -9.12 -22.02 -3.93
N ASP A 322 -9.10 -23.18 -3.25
CA ASP A 322 -9.32 -24.48 -3.94
C ASP A 322 -10.68 -24.55 -4.57
N GLU A 323 -11.67 -23.96 -3.89
CA GLU A 323 -13.06 -23.96 -4.40
C GLU A 323 -13.20 -23.03 -5.62
N LEU A 324 -12.52 -21.90 -5.57
CA LEU A 324 -12.54 -20.97 -6.71
C LEU A 324 -11.82 -21.60 -7.92
N LEU A 325 -10.63 -22.15 -7.67
CA LEU A 325 -9.84 -22.85 -8.69
C LEU A 325 -10.52 -24.06 -9.35
N ALA A 326 -11.26 -24.84 -8.56
CA ALA A 326 -12.02 -25.97 -9.07
C ALA A 326 -13.06 -25.54 -10.12
N GLU A 327 -13.36 -24.23 -10.19
CA GLU A 327 -14.36 -23.76 -11.16
C GLU A 327 -13.71 -23.36 -12.47
N CYS A 328 -12.38 -23.29 -12.48
CA CYS A 328 -11.62 -22.85 -13.65
C CYS A 328 -11.10 -24.00 -14.52
N ALA A 329 -11.37 -23.90 -15.81
CA ALA A 329 -11.01 -24.97 -16.74
C ALA A 329 -9.52 -25.02 -17.09
N ASN A 330 -8.79 -23.91 -16.88
CA ASN A 330 -7.41 -23.77 -17.34
C ASN A 330 -6.55 -23.12 -16.30
N VAL A 331 -6.16 -23.88 -15.28
CA VAL A 331 -5.50 -23.32 -14.13
C VAL A 331 -4.26 -24.15 -13.77
N ASP A 332 -3.20 -23.47 -13.31
CA ASP A 332 -2.04 -24.09 -12.67
C ASP A 332 -2.00 -23.52 -11.29
N LYS A 333 -1.96 -24.38 -10.28
CA LYS A 333 -1.88 -23.97 -8.86
C LYS A 333 -0.49 -24.30 -8.43
N ILE A 334 0.22 -23.30 -7.92
CA ILE A 334 1.63 -23.48 -7.58
C ILE A 334 1.81 -22.92 -6.19
N ILE A 335 2.04 -23.81 -5.23
CA ILE A 335 2.16 -23.45 -3.82
C ILE A 335 3.60 -23.60 -3.37
N VAL A 336 4.18 -22.55 -2.81
CA VAL A 336 5.51 -22.69 -2.20
C VAL A 336 5.46 -22.58 -0.67
N HIS A 337 6.15 -23.49 0.01
CA HIS A 337 6.29 -23.44 1.47
C HIS A 337 7.75 -23.20 1.82
N THR A 338 8.07 -21.97 2.25
CA THR A 338 9.47 -21.59 2.43
C THR A 338 10.10 -22.15 3.73
N ASP A 339 9.32 -22.82 4.58
CA ASP A 339 9.97 -23.53 5.70
C ASP A 339 10.93 -24.59 5.16
N THR A 340 10.56 -25.22 4.05
CA THR A 340 11.45 -26.22 3.44
C THR A 340 11.97 -25.83 2.04
N GLU A 341 11.16 -25.10 1.27
CA GLU A 341 11.44 -24.93 -0.16
C GLU A 341 12.15 -23.60 -0.42
N PRO A 342 12.95 -23.51 -1.47
CA PRO A 342 13.65 -22.26 -1.81
C PRO A 342 12.70 -21.04 -1.97
N LEU A 343 13.16 -19.82 -1.67
CA LEU A 343 12.37 -18.62 -2.00
C LEU A 343 12.19 -18.59 -3.54
N ILE A 344 10.97 -18.31 -4.02
CA ILE A 344 10.73 -18.16 -5.47
C ILE A 344 11.85 -17.32 -6.12
N ASN A 345 12.51 -17.88 -7.12
CA ASN A 345 13.53 -17.16 -7.85
C ASN A 345 13.21 -17.00 -9.35
N ALA A 346 14.15 -16.45 -10.13
CA ALA A 346 13.94 -16.16 -11.56
C ALA A 346 13.63 -17.43 -12.37
N ALA A 347 14.45 -18.48 -12.22
CA ALA A 347 14.24 -19.80 -12.87
C ALA A 347 12.87 -20.43 -12.53
N PHE A 348 12.42 -20.28 -11.27
CA PHE A 348 11.12 -20.77 -10.83
C PHE A 348 10.03 -20.07 -11.66
N LEU A 349 10.08 -18.74 -11.69
CA LEU A 349 9.15 -17.96 -12.47
C LEU A 349 9.22 -18.31 -13.97
N LYS A 350 10.42 -18.52 -14.51
CA LYS A 350 10.60 -18.85 -15.94
C LYS A 350 9.93 -20.18 -16.28
N GLU A 351 9.92 -21.08 -15.31
CA GLU A 351 9.46 -22.43 -15.52
C GLU A 351 7.98 -22.58 -15.24
N LYS A 352 7.50 -21.91 -14.20
CA LYS A 352 6.13 -22.10 -13.74
C LYS A 352 5.06 -21.12 -14.29
N SER A 353 5.48 -20.06 -15.00
CA SER A 353 4.53 -19.06 -15.54
C SER A 353 4.88 -18.61 -16.98
N PRO A 354 3.89 -18.31 -17.82
CA PRO A 354 4.16 -17.96 -19.22
C PRO A 354 4.97 -16.66 -19.41
N ALA A 355 5.61 -16.51 -20.57
CA ALA A 355 6.48 -15.35 -20.81
C ALA A 355 5.71 -14.02 -20.93
N HIS A 356 4.46 -14.08 -21.40
CA HIS A 356 3.69 -12.90 -21.76
C HIS A 356 2.39 -13.00 -21.00
N ALA A 357 2.34 -12.47 -19.80
CA ALA A 357 1.16 -12.62 -18.95
C ALA A 357 0.81 -11.29 -18.28
N ASP A 358 -0.43 -11.21 -17.80
CA ASP A 358 -0.97 -10.09 -17.05
C ASP A 358 -0.71 -10.45 -15.57
N VAL A 359 0.34 -9.89 -14.97
CA VAL A 359 0.82 -10.33 -13.62
C VAL A 359 0.43 -9.34 -12.48
N TYR A 360 -0.12 -9.87 -11.41
CA TYR A 360 -0.50 -9.09 -10.23
C TYR A 360 0.22 -9.77 -9.06
N THR A 361 1.00 -8.99 -8.33
CA THR A 361 1.78 -9.59 -7.26
C THR A 361 1.66 -8.67 -6.01
N CYS A 362 1.68 -9.29 -4.83
CA CYS A 362 1.36 -8.56 -3.61
C CYS A 362 2.02 -9.28 -2.44
N GLY A 363 2.57 -8.51 -1.51
CA GLY A 363 3.20 -9.04 -0.30
C GLY A 363 4.05 -7.95 0.34
N SER A 364 5.02 -8.36 1.15
CA SER A 364 5.87 -7.41 1.84
C SER A 364 6.70 -6.61 0.82
N LEU A 365 7.20 -5.43 1.20
N LEU A 365 7.10 -5.42 1.25
CA LEU A 365 8.06 -4.67 0.30
CA LEU A 365 8.11 -4.60 0.62
C LEU A 365 9.26 -5.47 -0.20
C LEU A 365 9.23 -5.39 -0.09
N ALA A 366 9.88 -6.26 0.66
CA ALA A 366 11.05 -7.02 0.21
C ALA A 366 10.64 -8.10 -0.77
N PHE A 367 9.51 -8.74 -0.57
CA PHE A 367 9.09 -9.75 -1.52
C PHE A 367 8.77 -9.08 -2.88
N MET A 368 8.13 -7.92 -2.88
CA MET A 368 7.90 -7.17 -4.10
C MET A 368 9.22 -6.78 -4.80
N GLN A 369 10.21 -6.29 -4.06
CA GLN A 369 11.47 -5.90 -4.71
C GLN A 369 12.12 -7.07 -5.39
N ALA A 370 12.19 -8.20 -4.68
CA ALA A 370 12.73 -9.40 -5.28
C ALA A 370 11.94 -9.84 -6.56
N MET A 371 10.60 -9.80 -6.51
CA MET A 371 9.78 -10.36 -7.61
C MET A 371 9.77 -9.48 -8.83
N ILE A 372 9.70 -8.17 -8.60
CA ILE A 372 9.86 -7.19 -9.70
C ILE A 372 11.22 -7.35 -10.39
N GLY A 373 12.25 -7.57 -9.58
CA GLY A 373 13.61 -7.71 -10.11
C GLY A 373 13.62 -8.93 -11.02
N HIS A 374 12.97 -10.01 -10.58
CA HIS A 374 12.91 -11.21 -11.43
C HIS A 374 12.06 -11.01 -12.71
N LEU A 375 10.88 -10.42 -12.53
CA LEU A 375 10.00 -10.19 -13.66
C LEU A 375 10.63 -9.26 -14.72
N LYS A 376 11.40 -8.27 -14.27
CA LYS A 376 12.11 -7.44 -15.21
C LYS A 376 13.26 -8.20 -15.87
N GLU A 377 13.98 -9.00 -15.10
CA GLU A 377 14.99 -9.86 -15.64
C GLU A 377 14.44 -10.94 -16.60
N LEU A 378 13.16 -11.29 -16.47
CA LEU A 378 12.52 -12.21 -17.43
C LEU A 378 11.92 -11.49 -18.64
N GLU A 379 12.22 -10.18 -18.70
CA GLU A 379 11.80 -9.28 -19.76
C GLU A 379 10.28 -9.06 -19.90
N HIS A 380 9.51 -9.22 -18.81
CA HIS A 380 8.09 -8.79 -18.80
C HIS A 380 7.97 -7.27 -18.98
N ARG A 381 7.02 -6.80 -19.78
CA ARG A 381 6.84 -5.35 -19.97
C ARG A 381 6.24 -4.72 -18.72
N ASP A 382 6.70 -3.51 -18.40
CA ASP A 382 6.23 -2.81 -17.22
C ASP A 382 4.71 -2.76 -17.10
N ASP A 383 4.03 -2.54 -18.21
CA ASP A 383 2.58 -2.37 -18.21
C ASP A 383 1.80 -3.68 -18.03
N MET A 384 2.49 -4.80 -17.90
CA MET A 384 1.81 -6.06 -17.64
C MET A 384 2.22 -6.56 -16.24
N ILE A 385 2.97 -5.76 -15.49
CA ILE A 385 3.31 -6.11 -14.11
C ILE A 385 2.61 -5.10 -13.19
N HIS A 386 1.67 -5.55 -12.35
CA HIS A 386 1.06 -4.66 -11.36
C HIS A 386 1.31 -5.21 -9.95
N TYR A 387 1.66 -4.34 -9.00
CA TYR A 387 1.99 -4.85 -7.66
C TYR A 387 1.60 -3.86 -6.60
N GLU A 388 1.42 -4.39 -5.40
CA GLU A 388 0.96 -3.66 -4.24
C GLU A 388 1.76 -4.16 -3.03
N PRO A 389 2.78 -3.41 -2.62
CA PRO A 389 3.51 -3.78 -1.41
C PRO A 389 2.70 -3.39 -0.17
N PHE A 390 2.80 -4.22 0.85
CA PHE A 390 2.15 -3.91 2.14
C PHE A 390 3.11 -3.04 2.93
N GLY A 391 3.30 -1.84 2.42
CA GLY A 391 4.20 -0.85 2.97
C GLY A 391 4.34 0.23 1.92
N PRO A 392 5.29 1.14 2.12
CA PRO A 392 5.40 2.28 1.22
C PRO A 392 5.86 1.87 -0.19
N LYS A 393 4.96 1.94 -1.16
CA LYS A 393 5.32 1.63 -2.55
C LYS A 393 6.43 2.52 -3.17
N MET A 394 6.55 3.78 -2.75
CA MET A 394 7.56 4.62 -3.35
C MET A 394 8.99 4.16 -2.96
N SER A 395 9.12 3.32 -1.95
CA SER A 395 10.47 2.81 -1.61
C SER A 395 10.83 1.63 -2.57
N THR A 396 9.90 1.24 -3.42
CA THR A 396 10.18 0.16 -4.35
C THR A 396 10.39 0.67 -5.78
N VAL A 397 10.41 2.00 -5.98
CA VAL A 397 10.48 2.53 -7.36
C VAL A 397 11.84 3.15 -7.68
N GLN A 398 12.42 2.84 -8.84
CA GLN A 398 13.66 3.49 -9.29
C GLN A 398 13.30 4.80 -10.01
N VAL A 399 13.85 5.93 -9.55
CA VAL A 399 13.39 7.28 -9.96
C VAL A 399 14.22 7.81 -11.12
#